data_1DJR
#
_entry.id   1DJR
#
_cell.length_a   42.368
_cell.length_b   95.040
_cell.length_c   67.507
_cell.angle_alpha   90.00
_cell.angle_beta   100.71
_cell.angle_gamma   90.00
#
_symmetry.space_group_name_H-M   'P 1 21 1'
#
loop_
_entity.id
_entity.type
_entity.pdbx_description
1 polymer 'HEAT-LABILE ENTEROTOXIN'
2 non-polymer alpha-D-galactopyranose
3 non-polymer GLYCEROL
4 non-polymer 'BENZOIC ACID'
5 water water
#
_entity_poly.entity_id   1
_entity_poly.type   'polypeptide(L)'
_entity_poly.pdbx_seq_one_letter_code
;APQTITELCSEYRNTQIYTINDKILSYTESMAGKREMVIITFKSGETFQVEVPGSQHIDSQKKAIERMKDTLRITYLTET
KIDKLCVWNNKTPNSIAAISMKN
;
_entity_poly.pdbx_strand_id   D,E,F,G,H
#
loop_
_chem_comp.id
_chem_comp.type
_chem_comp.name
_chem_comp.formula
BEZ non-polymer 'BENZOIC ACID' 'C7 H6 O2'
GLA D-saccharide, alpha linking alpha-D-galactopyranose 'C6 H12 O6'
GOL non-polymer GLYCEROL 'C3 H8 O3'
#
# COMPACT_ATOMS: atom_id res chain seq x y z
N ALA A 1 3.80 15.14 23.71
CA ALA A 1 4.67 14.60 22.68
C ALA A 1 5.46 15.72 21.99
N PRO A 2 6.54 15.35 21.31
CA PRO A 2 7.30 16.41 20.58
C PRO A 2 6.49 17.10 19.51
N GLN A 3 6.91 18.28 19.17
CA GLN A 3 6.17 18.99 18.10
C GLN A 3 7.00 19.17 16.83
N THR A 4 8.32 18.85 16.93
CA THR A 4 9.18 18.96 15.80
C THR A 4 10.17 17.75 15.79
N ILE A 5 10.74 17.50 14.62
CA ILE A 5 11.73 16.44 14.47
C ILE A 5 12.91 16.75 15.34
N THR A 6 13.34 17.99 15.50
CA THR A 6 14.54 18.28 16.29
C THR A 6 14.31 18.05 17.75
N GLU A 7 13.12 18.44 18.22
CA GLU A 7 12.73 18.15 19.60
C GLU A 7 12.72 16.63 19.85
N LEU A 8 12.13 15.87 18.95
CA LEU A 8 12.07 14.41 19.11
C LEU A 8 13.45 13.83 19.14
N CYS A 9 14.27 14.25 18.16
CA CYS A 9 15.60 13.69 18.00
C CYS A 9 16.41 13.93 19.24
N SER A 10 16.24 15.08 19.87
CA SER A 10 16.99 15.45 21.10
C SER A 10 16.64 14.64 22.34
N GLU A 11 15.59 13.82 22.22
CA GLU A 11 15.24 12.99 23.34
C GLU A 11 16.14 11.72 23.43
N TYR A 12 16.98 11.55 22.36
CA TYR A 12 17.77 10.35 22.23
C TYR A 12 19.25 10.67 22.21
N ARG A 13 20.07 9.82 22.80
CA ARG A 13 21.54 10.02 22.67
C ARG A 13 22.08 9.39 21.41
N ASN A 14 23.27 9.70 20.99
CA ASN A 14 23.92 9.33 19.76
C ASN A 14 23.09 9.60 18.52
N THR A 15 22.34 10.71 18.57
CA THR A 15 21.63 11.13 17.38
C THR A 15 22.08 12.50 16.95
N GLN A 16 21.81 12.87 15.73
CA GLN A 16 21.94 14.21 15.23
C GLN A 16 21.00 14.43 14.11
N ILE A 17 20.74 15.67 13.80
CA ILE A 17 19.93 16.12 12.65
C ILE A 17 20.82 16.42 11.46
N TYR A 18 20.54 15.83 10.34
CA TYR A 18 21.07 16.22 9.02
C TYR A 18 19.98 17.04 8.36
N THR A 19 20.36 18.23 7.89
CA THR A 19 19.50 19.04 7.06
C THR A 19 19.82 18.68 5.62
N ILE A 20 18.94 17.89 5.01
CA ILE A 20 19.16 17.34 3.71
C ILE A 20 18.72 18.29 2.60
N ASN A 21 17.50 18.81 2.73
CA ASN A 21 16.88 19.71 1.73
C ASN A 21 17.11 19.26 0.35
N ASP A 22 16.78 17.98 0.09
CA ASP A 22 17.01 17.43 -1.24
C ASP A 22 16.20 16.16 -1.45
N LYS A 23 15.99 15.78 -2.68
CA LYS A 23 15.39 14.52 -3.02
C LYS A 23 16.46 13.40 -2.94
N ILE A 24 16.04 12.18 -2.81
CA ILE A 24 16.91 11.02 -2.79
C ILE A 24 17.52 10.79 -4.17
N LEU A 25 18.82 10.52 -4.14
CA LEU A 25 19.55 10.20 -5.37
C LEU A 25 19.45 8.71 -5.70
N SER A 26 19.67 7.85 -4.67
CA SER A 26 19.54 6.39 -4.99
C SER A 26 18.84 5.71 -3.83
N TYR A 27 18.10 4.70 -4.22
CA TYR A 27 17.36 3.82 -3.31
C TYR A 27 17.86 2.39 -3.58
N THR A 28 18.19 1.73 -2.48
CA THR A 28 18.64 0.35 -2.48
C THR A 28 17.88 -0.48 -1.49
N GLU A 29 17.39 -1.65 -1.92
CA GLU A 29 16.56 -2.49 -1.09
C GLU A 29 17.07 -3.93 -1.19
N SER A 30 17.23 -4.54 -0.02
CA SER A 30 17.71 -5.91 0.03
C SER A 30 16.82 -6.81 0.84
N MET A 31 16.59 -8.01 0.25
CA MET A 31 15.91 -9.11 0.88
C MET A 31 16.84 -10.25 1.20
N ALA A 32 18.12 -10.04 1.15
CA ALA A 32 19.12 -11.05 1.48
C ALA A 32 19.12 -11.31 2.94
N GLY A 33 19.31 -12.57 3.31
CA GLY A 33 19.22 -12.94 4.72
C GLY A 33 20.22 -12.25 5.62
N LYS A 34 19.71 -11.70 6.71
CA LYS A 34 20.44 -10.91 7.67
C LYS A 34 20.81 -9.54 7.16
N ARG A 35 20.38 -9.15 5.96
CA ARG A 35 20.59 -7.83 5.37
C ARG A 35 19.31 -7.30 4.76
N GLU A 36 18.22 -7.52 5.46
CA GLU A 36 16.90 -7.06 5.07
C GLU A 36 16.74 -5.57 5.45
N MET A 37 17.11 -4.71 4.50
CA MET A 37 17.32 -3.32 4.81
C MET A 37 17.16 -2.47 3.54
N VAL A 38 17.11 -1.17 3.81
CA VAL A 38 17.06 -0.13 2.82
C VAL A 38 18.23 0.84 3.08
N ILE A 39 18.83 1.27 1.96
CA ILE A 39 19.91 2.25 1.97
C ILE A 39 19.52 3.37 1.00
N ILE A 40 19.65 4.61 1.41
CA ILE A 40 19.41 5.73 0.58
C ILE A 40 20.69 6.58 0.53
N THR A 41 20.88 7.22 -0.64
CA THR A 41 21.95 8.17 -0.78
C THR A 41 21.46 9.45 -1.44
N PHE A 42 22.22 10.53 -1.20
CA PHE A 42 21.96 11.87 -1.75
C PHE A 42 23.10 12.30 -2.63
N LYS A 43 22.91 13.28 -3.48
CA LYS A 43 23.98 13.74 -4.30
C LYS A 43 25.14 14.35 -3.53
N SER A 44 24.96 14.69 -2.23
CA SER A 44 26.05 15.05 -1.36
C SER A 44 27.00 13.91 -1.05
N GLY A 45 26.61 12.70 -1.42
CA GLY A 45 27.39 11.53 -1.03
C GLY A 45 26.95 10.92 0.29
N GLU A 46 26.11 11.61 1.04
CA GLU A 46 25.65 11.10 2.33
C GLU A 46 24.70 9.90 2.10
N THR A 47 24.96 8.89 2.98
CA THR A 47 24.31 7.61 2.92
C THR A 47 23.68 7.23 4.24
N PHE A 48 22.45 6.73 4.24
CA PHE A 48 21.75 6.39 5.46
C PHE A 48 21.03 5.03 5.26
N GLN A 49 20.83 4.35 6.37
CA GLN A 49 20.11 3.06 6.36
C GLN A 49 18.89 3.11 7.28
N VAL A 50 17.96 2.24 6.94
CA VAL A 50 16.98 1.72 7.88
C VAL A 50 17.59 0.34 8.30
N GLU A 51 17.88 0.25 9.60
CA GLU A 51 18.54 -0.95 10.10
C GLU A 51 17.70 -2.22 9.94
N VAL A 52 18.37 -3.32 9.81
CA VAL A 52 17.74 -4.63 9.88
C VAL A 52 17.06 -4.75 11.24
N PRO A 53 15.84 -5.22 11.35
CA PRO A 53 15.20 -5.35 12.67
C PRO A 53 16.01 -6.27 13.52
N GLY A 54 16.38 -6.10 14.75
CA GLY A 54 17.12 -6.69 15.76
C GLY A 54 16.68 -6.43 17.15
N SER A 55 17.55 -7.00 17.99
CA SER A 55 17.32 -6.92 19.42
C SER A 55 17.50 -5.53 19.97
N GLN A 56 18.07 -4.63 19.24
CA GLN A 56 18.05 -3.25 19.69
C GLN A 56 16.68 -2.64 19.49
N HIS A 57 15.70 -3.32 18.89
CA HIS A 57 14.39 -2.66 18.66
C HIS A 57 13.39 -3.19 19.60
N ILE A 58 12.49 -2.36 20.04
CA ILE A 58 11.35 -2.86 20.87
C ILE A 58 10.22 -3.18 19.93
N ASP A 59 9.26 -3.94 20.50
CA ASP A 59 8.20 -4.53 19.73
C ASP A 59 7.43 -3.41 18.94
N SER A 60 7.22 -2.27 19.65
CA SER A 60 6.49 -1.22 18.96
C SER A 60 7.16 -0.62 17.74
N GLN A 61 8.46 -0.81 17.63
CA GLN A 61 9.16 -0.31 16.49
C GLN A 61 8.98 -1.22 15.30
N LYS A 62 8.49 -2.45 15.39
CA LYS A 62 8.53 -3.30 14.21
C LYS A 62 7.70 -2.74 13.05
N LYS A 63 6.45 -2.34 13.37
CA LYS A 63 5.61 -1.74 12.32
C LYS A 63 6.23 -0.43 11.83
N ALA A 64 6.81 0.33 12.73
CA ALA A 64 7.35 1.63 12.36
C ALA A 64 8.57 1.46 11.45
N ILE A 65 9.38 0.41 11.66
CA ILE A 65 10.46 0.16 10.72
C ILE A 65 9.94 -0.08 9.33
N GLU A 66 8.93 -0.89 9.23
CA GLU A 66 8.36 -1.23 7.92
C GLU A 66 7.77 0.01 7.25
N ARG A 67 7.10 0.85 8.04
CA ARG A 67 6.53 2.08 7.56
C ARG A 67 7.62 2.98 7.04
N MET A 68 8.75 3.13 7.75
CA MET A 68 9.84 4.00 7.35
C MET A 68 10.35 3.57 6.00
N LYS A 69 10.52 2.29 5.76
CA LYS A 69 10.95 1.80 4.45
C LYS A 69 9.88 2.11 3.36
N ASP A 70 8.61 1.96 3.70
CA ASP A 70 7.58 2.38 2.74
C ASP A 70 7.70 3.85 2.40
N THR A 71 7.89 4.68 3.42
CA THR A 71 8.06 6.10 3.16
C THR A 71 9.26 6.40 2.29
N LEU A 72 10.43 5.77 2.54
CA LEU A 72 11.57 6.12 1.71
C LEU A 72 11.33 5.72 0.26
N ARG A 73 10.68 4.57 -0.02
CA ARG A 73 10.45 4.20 -1.42
C ARG A 73 9.58 5.22 -2.12
N ILE A 74 8.44 5.58 -1.53
CA ILE A 74 7.54 6.48 -2.20
C ILE A 74 8.14 7.87 -2.27
N THR A 75 8.91 8.28 -1.30
CA THR A 75 9.66 9.53 -1.36
C THR A 75 10.63 9.56 -2.53
N TYR A 76 11.38 8.49 -2.72
CA TYR A 76 12.26 8.34 -3.87
C TYR A 76 11.48 8.48 -5.18
N LEU A 77 10.42 7.69 -5.32
CA LEU A 77 9.68 7.57 -6.60
C LEU A 77 9.01 8.84 -6.99
N THR A 78 8.60 9.66 -6.03
CA THR A 78 7.91 10.92 -6.31
C THR A 78 8.88 12.09 -6.36
N GLU A 79 10.20 11.85 -6.17
CA GLU A 79 11.17 12.90 -6.16
C GLU A 79 10.85 13.97 -5.09
N THR A 80 10.29 13.53 -3.96
CA THR A 80 9.96 14.50 -2.89
C THR A 80 11.17 14.88 -2.11
N LYS A 81 11.28 16.18 -1.84
CA LYS A 81 12.40 16.71 -1.08
C LYS A 81 12.27 16.35 0.39
N ILE A 82 13.33 15.74 0.90
CA ILE A 82 13.45 15.53 2.35
C ILE A 82 14.00 16.76 3.02
N ASP A 83 13.44 17.21 4.13
CA ASP A 83 13.96 18.36 4.84
C ASP A 83 15.06 17.90 5.84
N LYS A 84 14.70 17.21 6.91
CA LYS A 84 15.66 16.68 7.88
C LYS A 84 15.52 15.20 8.02
N LEU A 85 16.65 14.61 8.44
CA LEU A 85 16.74 13.27 8.98
C LEU A 85 17.33 13.36 10.39
N CYS A 86 16.67 12.66 11.32
CA CYS A 86 17.21 12.40 12.62
C CYS A 86 17.81 11.00 12.53
N VAL A 87 19.12 10.93 12.81
CA VAL A 87 19.84 9.67 12.63
C VAL A 87 20.67 9.34 13.87
N TRP A 88 20.85 8.02 14.03
CA TRP A 88 21.83 7.54 15.02
C TRP A 88 23.20 7.52 14.34
N ASN A 89 24.15 8.09 15.04
CA ASN A 89 25.47 8.24 14.50
C ASN A 89 26.47 7.24 15.02
N ASN A 90 25.97 6.23 15.70
CA ASN A 90 26.72 5.12 16.20
C ASN A 90 26.55 3.87 15.37
N LYS A 91 26.13 4.10 14.15
CA LYS A 91 25.94 3.08 13.15
C LYS A 91 26.50 3.58 11.82
N THR A 92 26.98 2.68 11.00
CA THR A 92 27.58 2.96 9.70
C THR A 92 26.85 2.09 8.67
N PRO A 93 26.19 2.67 7.69
CA PRO A 93 25.88 4.07 7.55
C PRO A 93 24.93 4.53 8.69
N ASN A 94 24.84 5.82 8.93
CA ASN A 94 24.02 6.31 10.03
C ASN A 94 22.58 5.80 9.81
N SER A 95 21.91 5.58 10.91
CA SER A 95 20.64 4.93 10.88
C SER A 95 19.45 5.84 11.15
N ILE A 96 18.42 5.75 10.30
CA ILE A 96 17.34 6.73 10.42
C ILE A 96 16.42 6.40 11.55
N ALA A 97 16.21 7.44 12.40
CA ALA A 97 15.22 7.43 13.47
C ALA A 97 13.96 8.19 13.07
N ALA A 98 14.08 9.26 12.30
CA ALA A 98 12.90 10.03 11.93
C ALA A 98 13.24 10.79 10.68
N ILE A 99 12.18 11.19 9.94
CA ILE A 99 12.31 11.98 8.74
C ILE A 99 11.29 13.11 8.75
N SER A 100 11.65 14.22 8.13
CA SER A 100 10.69 15.31 7.92
C SER A 100 10.80 15.78 6.48
N MET A 101 9.65 16.33 5.99
CA MET A 101 9.54 16.88 4.65
C MET A 101 8.63 18.11 4.69
N LYS A 102 8.95 19.14 3.93
CA LYS A 102 8.06 20.29 3.87
C LYS A 102 7.91 20.76 2.46
N ASN A 103 6.79 21.49 2.32
CA ASN A 103 6.63 22.00 0.95
C ASN A 103 6.07 23.42 1.14
N ALA B 1 -25.16 5.64 11.57
CA ALA B 1 -23.80 6.16 11.76
C ALA B 1 -23.78 7.64 11.48
N PRO B 2 -22.75 8.33 11.92
CA PRO B 2 -22.66 9.78 11.58
C PRO B 2 -22.59 9.99 10.07
N GLN B 3 -23.06 11.13 9.58
CA GLN B 3 -23.03 11.35 8.16
C GLN B 3 -21.98 12.32 7.74
N THR B 4 -21.36 13.01 8.68
CA THR B 4 -20.30 13.94 8.44
C THR B 4 -19.29 13.90 9.59
N ILE B 5 -18.09 14.49 9.32
CA ILE B 5 -17.09 14.57 10.38
C ILE B 5 -17.54 15.38 11.58
N THR B 6 -18.40 16.35 11.36
CA THR B 6 -18.90 17.19 12.40
C THR B 6 -19.78 16.42 13.32
N GLU B 7 -20.69 15.61 12.75
CA GLU B 7 -21.56 14.78 13.55
C GLU B 7 -20.72 13.79 14.34
N LEU B 8 -19.78 13.18 13.68
CA LEU B 8 -18.97 12.20 14.34
C LEU B 8 -18.18 12.81 15.48
N CYS B 9 -17.53 13.93 15.20
CA CYS B 9 -16.70 14.56 16.22
C CYS B 9 -17.54 14.90 17.47
N SER B 10 -18.79 15.21 17.28
CA SER B 10 -19.67 15.51 18.43
C SER B 10 -20.01 14.41 19.40
N GLU B 11 -19.73 13.22 18.99
CA GLU B 11 -20.02 12.13 19.91
C GLU B 11 -18.95 11.92 20.96
N TYR B 12 -17.83 12.64 20.97
CA TYR B 12 -16.70 12.41 21.83
C TYR B 12 -16.52 13.61 22.75
N ARG B 13 -16.05 13.29 23.98
CA ARG B 13 -15.57 14.30 24.89
C ARG B 13 -14.12 14.67 24.47
N ASN B 14 -13.85 15.91 24.83
CA ASN B 14 -12.61 16.51 24.67
C ASN B 14 -12.18 16.50 23.21
N THR B 15 -13.10 16.75 22.30
CA THR B 15 -12.76 16.92 20.91
C THR B 15 -13.28 18.25 20.38
N GLN B 16 -12.69 18.70 19.27
CA GLN B 16 -13.24 19.87 18.53
C GLN B 16 -12.85 19.67 17.06
N ILE B 17 -13.61 20.33 16.23
CA ILE B 17 -13.33 20.51 14.83
C ILE B 17 -12.40 21.70 14.58
N TYR B 18 -11.35 21.47 13.82
CA TYR B 18 -10.53 22.51 13.21
C TYR B 18 -10.84 22.58 11.69
N THR B 19 -11.18 23.76 11.23
CA THR B 19 -11.36 23.90 9.77
C THR B 19 -10.00 24.28 9.23
N ILE B 20 -9.37 23.48 8.46
CA ILE B 20 -8.05 23.62 7.88
C ILE B 20 -8.11 24.30 6.51
N ASN B 21 -8.88 23.74 5.61
CA ASN B 21 -8.93 24.20 4.28
C ASN B 21 -7.58 24.49 3.63
N ASP B 22 -6.69 23.51 3.71
CA ASP B 22 -5.34 23.73 3.18
C ASP B 22 -4.64 22.38 3.07
N LYS B 23 -3.55 22.35 2.28
CA LYS B 23 -2.66 21.23 2.23
C LYS B 23 -1.79 21.26 3.49
N ILE B 24 -1.17 20.10 3.79
CA ILE B 24 -0.22 19.97 4.85
C ILE B 24 1.08 20.64 4.44
N LEU B 25 1.67 21.44 5.35
CA LEU B 25 2.92 22.16 5.14
C LEU B 25 4.13 21.25 5.38
N SER B 26 4.11 20.47 6.47
CA SER B 26 5.22 19.53 6.74
C SER B 26 4.69 18.25 7.34
N TYR B 27 5.38 17.15 7.03
CA TYR B 27 5.15 15.78 7.50
C TYR B 27 6.38 15.27 8.19
N THR B 28 6.21 14.74 9.39
CA THR B 28 7.26 14.17 10.21
C THR B 28 6.86 12.78 10.66
N GLU B 29 7.79 11.83 10.52
CA GLU B 29 7.51 10.44 10.86
C GLU B 29 8.69 9.92 11.66
N SER B 30 8.38 9.30 12.81
CA SER B 30 9.41 8.73 13.66
C SER B 30 9.23 7.25 13.91
N MET B 31 10.31 6.48 13.82
CA MET B 31 10.35 5.12 14.27
C MET B 31 11.20 4.93 15.51
N ALA B 32 11.54 5.99 16.20
CA ALA B 32 12.31 5.99 17.42
C ALA B 32 11.44 5.36 18.50
N GLY B 33 12.09 4.51 19.33
CA GLY B 33 11.31 3.80 20.27
C GLY B 33 10.60 4.69 21.25
N LYS B 34 9.35 4.36 21.47
CA LYS B 34 8.40 5.06 22.33
C LYS B 34 7.95 6.35 21.72
N ARG B 35 8.36 6.68 20.52
CA ARG B 35 7.89 7.84 19.75
C ARG B 35 7.55 7.45 18.35
N GLU B 36 6.88 6.32 18.16
CA GLU B 36 6.46 5.85 16.87
C GLU B 36 5.20 6.59 16.47
N MET B 37 5.35 7.70 15.75
CA MET B 37 4.28 8.67 15.57
C MET B 37 4.53 9.44 14.30
N VAL B 38 3.48 10.20 13.98
CA VAL B 38 3.47 11.15 12.86
C VAL B 38 3.02 12.50 13.38
N ILE B 39 3.68 13.56 12.89
CA ILE B 39 3.36 14.96 13.20
C ILE B 39 3.13 15.71 11.92
N ILE B 40 2.02 16.44 11.83
CA ILE B 40 1.82 17.32 10.67
C ILE B 40 1.70 18.76 11.17
N THR B 41 2.08 19.68 10.26
CA THR B 41 1.90 21.08 10.50
C THR B 41 1.24 21.75 9.29
N PHE B 42 0.67 22.95 9.55
CA PHE B 42 0.05 23.80 8.53
C PHE B 42 0.64 25.19 8.62
N LYS B 43 0.49 25.92 7.51
CA LYS B 43 1.01 27.30 7.44
C LYS B 43 0.31 28.21 8.46
N SER B 44 -0.86 27.83 8.95
CA SER B 44 -1.55 28.55 10.00
C SER B 44 -0.80 28.50 11.32
N GLY B 45 0.21 27.62 11.40
CA GLY B 45 0.96 27.47 12.62
C GLY B 45 0.43 26.32 13.42
N GLU B 46 -0.61 25.63 13.07
CA GLU B 46 -1.14 24.53 13.85
C GLU B 46 -0.33 23.27 13.63
N THR B 47 -0.18 22.45 14.66
CA THR B 47 0.56 21.19 14.68
C THR B 47 -0.38 20.11 15.26
N PHE B 48 -0.37 18.94 14.65
CA PHE B 48 -1.22 17.85 15.11
C PHE B 48 -0.42 16.53 15.07
N GLN B 49 -0.80 15.56 15.91
CA GLN B 49 -0.18 14.27 15.88
C GLN B 49 -1.15 13.14 15.64
N VAL B 50 -0.61 12.02 15.17
CA VAL B 50 -1.22 10.70 15.38
C VAL B 50 -0.41 10.15 16.54
N GLU B 51 -1.16 9.85 17.60
CA GLU B 51 -0.50 9.39 18.79
C GLU B 51 0.22 8.01 18.65
N VAL B 52 1.26 7.85 19.51
CA VAL B 52 1.88 6.52 19.73
C VAL B 52 0.78 5.57 20.20
N PRO B 53 0.65 4.39 19.64
CA PRO B 53 -0.34 3.43 20.16
C PRO B 53 -0.03 3.17 21.61
N GLY B 54 -1.00 3.00 22.48
CA GLY B 54 -1.08 2.94 23.88
C GLY B 54 -2.31 2.40 24.56
N SER B 55 -2.33 2.40 25.88
CA SER B 55 -3.39 1.79 26.64
C SER B 55 -4.70 2.56 26.47
N GLN B 56 -4.72 3.77 25.94
CA GLN B 56 -5.89 4.59 25.66
C GLN B 56 -6.61 4.18 24.39
N HIS B 57 -5.98 3.27 23.66
CA HIS B 57 -6.59 2.75 22.42
C HIS B 57 -7.24 1.41 22.64
N ILE B 58 -8.37 1.17 21.98
CA ILE B 58 -8.97 -0.14 21.99
C ILE B 58 -8.54 -0.93 20.79
N ASP B 59 -8.68 -2.26 20.76
CA ASP B 59 -8.17 -3.16 19.72
C ASP B 59 -8.68 -2.72 18.37
N SER B 60 -9.93 -2.26 18.25
CA SER B 60 -10.40 -1.84 16.92
C SER B 60 -9.75 -0.60 16.32
N GLN B 61 -9.12 0.17 17.17
CA GLN B 61 -8.35 1.28 16.71
C GLN B 61 -6.96 0.93 16.23
N LYS B 62 -6.41 -0.25 16.48
CA LYS B 62 -4.98 -0.43 16.05
C LYS B 62 -4.84 -0.37 14.54
N LYS B 63 -5.66 -0.98 13.71
CA LYS B 63 -5.54 -0.87 12.25
C LYS B 63 -5.93 0.55 11.89
N ALA B 64 -6.85 1.22 12.57
CA ALA B 64 -7.25 2.56 12.16
C ALA B 64 -6.15 3.56 12.42
N ILE B 65 -5.34 3.43 13.42
CA ILE B 65 -4.20 4.32 13.63
C ILE B 65 -3.20 4.18 12.48
N GLU B 66 -2.95 2.93 12.04
CA GLU B 66 -2.00 2.72 10.95
C GLU B 66 -2.55 3.32 9.67
N ARG B 67 -3.86 3.17 9.42
CA ARG B 67 -4.52 3.76 8.25
C ARG B 67 -4.38 5.27 8.28
N MET B 68 -4.65 5.91 9.39
CA MET B 68 -4.59 7.35 9.48
C MET B 68 -3.19 7.83 9.11
N LYS B 69 -2.14 7.17 9.60
CA LYS B 69 -0.80 7.56 9.21
C LYS B 69 -0.58 7.38 7.73
N ASP B 70 -1.08 6.29 7.16
CA ASP B 70 -1.00 6.08 5.74
C ASP B 70 -1.67 7.25 4.99
N THR B 71 -2.86 7.64 5.43
CA THR B 71 -3.58 8.71 4.80
C THR B 71 -2.82 10.04 4.87
N LEU B 72 -2.26 10.37 6.03
CA LEU B 72 -1.54 11.66 6.16
C LEU B 72 -0.34 11.69 5.24
N ARG B 73 0.40 10.59 5.09
CA ARG B 73 1.52 10.55 4.15
C ARG B 73 1.14 10.82 2.72
N ILE B 74 0.15 10.08 2.25
CA ILE B 74 -0.19 10.29 0.85
C ILE B 74 -0.86 11.63 0.62
N THR B 75 -1.62 12.11 1.64
CA THR B 75 -2.22 13.44 1.51
C THR B 75 -1.13 14.47 1.39
N TYR B 76 -0.08 14.36 2.19
CA TYR B 76 1.04 15.29 2.11
C TYR B 76 1.66 15.21 0.75
N LEU B 77 2.00 14.01 0.31
CA LEU B 77 2.79 13.85 -0.94
C LEU B 77 2.08 14.36 -2.18
N THR B 78 0.74 14.26 -2.18
CA THR B 78 -0.09 14.69 -3.30
C THR B 78 -0.59 16.11 -3.17
N GLU B 79 -0.21 16.82 -2.13
CA GLU B 79 -0.68 18.19 -1.92
C GLU B 79 -2.19 18.28 -1.84
N THR B 80 -2.80 17.26 -1.28
CA THR B 80 -4.26 17.22 -1.16
C THR B 80 -4.75 18.15 -0.07
N LYS B 81 -5.79 18.94 -0.42
CA LYS B 81 -6.32 19.82 0.58
C LYS B 81 -7.16 19.09 1.64
N ILE B 82 -6.88 19.37 2.90
CA ILE B 82 -7.64 18.89 4.05
C ILE B 82 -8.74 19.93 4.34
N ASP B 83 -9.94 19.40 4.56
CA ASP B 83 -11.10 20.21 4.87
C ASP B 83 -11.11 20.47 6.39
N LYS B 84 -11.46 19.44 7.19
CA LYS B 84 -11.47 19.51 8.61
C LYS B 84 -10.66 18.41 9.27
N LEU B 85 -10.31 18.65 10.50
CA LEU B 85 -9.78 17.65 11.43
C LEU B 85 -10.64 17.63 12.69
N CYS B 86 -10.96 16.43 13.20
CA CYS B 86 -11.56 16.25 14.48
C CYS B 86 -10.41 15.87 15.38
N VAL B 87 -10.11 16.64 16.41
CA VAL B 87 -8.97 16.34 17.27
C VAL B 87 -9.28 16.31 18.73
N TRP B 88 -8.46 15.52 19.44
CA TRP B 88 -8.54 15.54 20.89
C TRP B 88 -7.68 16.69 21.37
N ASN B 89 -8.29 17.54 22.24
CA ASN B 89 -7.63 18.70 22.75
C ASN B 89 -7.03 18.52 24.14
N ASN B 90 -6.98 17.26 24.61
CA ASN B 90 -6.33 16.90 25.88
C ASN B 90 -4.96 16.25 25.65
N LYS B 91 -4.39 16.58 24.47
CA LYS B 91 -3.06 16.10 24.16
C LYS B 91 -2.25 17.20 23.54
N THR B 92 -0.95 17.28 23.64
CA THR B 92 -0.07 18.24 23.07
C THR B 92 0.98 17.53 22.24
N PRO B 93 1.01 17.79 20.94
CA PRO B 93 0.07 18.58 20.20
C PRO B 93 -1.28 17.84 20.08
N ASN B 94 -2.33 18.57 19.64
CA ASN B 94 -3.63 17.91 19.60
C ASN B 94 -3.60 16.66 18.71
N SER B 95 -4.40 15.66 19.04
CA SER B 95 -4.32 14.35 18.48
C SER B 95 -5.44 14.06 17.53
N ILE B 96 -5.14 13.55 16.37
CA ILE B 96 -6.16 13.41 15.27
C ILE B 96 -7.09 12.24 15.50
N ALA B 97 -8.37 12.50 15.52
CA ALA B 97 -9.43 11.51 15.64
C ALA B 97 -10.03 11.20 14.26
N ALA B 98 -10.17 12.22 13.44
CA ALA B 98 -10.75 12.05 12.12
C ALA B 98 -10.27 13.17 11.18
N ILE B 99 -10.38 12.91 9.89
CA ILE B 99 -9.98 13.79 8.85
C ILE B 99 -11.04 13.81 7.75
N SER B 100 -11.22 15.00 7.11
CA SER B 100 -12.02 15.09 5.93
C SER B 100 -11.21 15.89 4.88
N MET B 101 -11.42 15.51 3.67
CA MET B 101 -10.77 16.17 2.53
C MET B 101 -11.85 16.41 1.49
N LYS B 102 -11.76 17.58 0.87
CA LYS B 102 -12.58 18.02 -0.20
C LYS B 102 -11.66 19.15 -0.81
N ASN B 103 -11.61 19.14 -2.09
CA ASN B 103 -10.97 19.95 -3.17
N ALA C 1 -19.96 -17.73 -9.93
CA ALA C 1 -19.92 -16.42 -9.28
C ALA C 1 -20.48 -15.36 -10.23
N PRO C 2 -20.89 -14.27 -9.62
CA PRO C 2 -21.42 -13.18 -10.44
C PRO C 2 -20.41 -12.65 -11.43
N GLN C 3 -20.95 -12.11 -12.51
CA GLN C 3 -20.08 -11.54 -13.53
C GLN C 3 -20.13 -10.04 -13.62
N THR C 4 -21.06 -9.43 -12.90
CA THR C 4 -21.23 -7.98 -12.92
C THR C 4 -21.69 -7.50 -11.53
N ILE C 5 -21.48 -6.25 -11.24
CA ILE C 5 -21.98 -5.67 -9.97
C ILE C 5 -23.49 -5.83 -9.83
N THR C 6 -24.21 -5.78 -10.94
CA THR C 6 -25.65 -5.94 -10.88
C THR C 6 -26.07 -7.31 -10.45
N GLU C 7 -25.51 -8.34 -10.91
CA GLU C 7 -25.75 -9.73 -10.64
C GLU C 7 -25.40 -9.93 -9.19
N LEU C 8 -24.27 -9.41 -8.74
CA LEU C 8 -23.86 -9.57 -7.37
C LEU C 8 -24.86 -8.92 -6.43
N CYS C 9 -25.20 -7.69 -6.74
CA CYS C 9 -26.10 -6.96 -5.82
C CYS C 9 -27.42 -7.64 -5.76
N SER C 10 -27.88 -8.29 -6.81
CA SER C 10 -29.15 -8.99 -6.81
C SER C 10 -29.25 -10.16 -5.89
N GLU C 11 -28.13 -10.64 -5.40
CA GLU C 11 -28.14 -11.80 -4.49
C GLU C 11 -28.47 -11.46 -3.04
N TYR C 12 -28.67 -10.19 -2.72
CA TYR C 12 -28.93 -9.67 -1.37
C TYR C 12 -30.31 -9.06 -1.32
N ARG C 13 -30.97 -9.11 -0.20
CA ARG C 13 -32.36 -8.61 -0.20
C ARG C 13 -32.60 -7.19 0.25
N ASN C 14 -31.59 -6.54 0.81
CA ASN C 14 -31.75 -5.15 1.23
C ASN C 14 -30.75 -4.21 0.54
N THR C 15 -30.34 -4.53 -0.65
CA THR C 15 -29.41 -3.75 -1.43
C THR C 15 -30.06 -2.98 -2.57
N GLN C 16 -29.30 -2.02 -3.10
CA GLN C 16 -29.65 -1.12 -4.14
C GLN C 16 -28.38 -0.69 -4.89
N ILE C 17 -28.43 -0.61 -6.20
CA ILE C 17 -27.40 -0.01 -7.02
C ILE C 17 -27.72 1.51 -7.15
N TYR C 18 -26.70 2.28 -6.82
CA TYR C 18 -26.68 3.71 -7.11
C TYR C 18 -25.73 3.89 -8.29
N THR C 19 -26.28 4.40 -9.38
CA THR C 19 -25.47 4.77 -10.56
C THR C 19 -24.93 6.16 -10.26
N ILE C 20 -23.61 6.24 -10.06
CA ILE C 20 -22.89 7.42 -9.61
C ILE C 20 -22.33 8.16 -10.80
N ASN C 21 -21.60 7.48 -11.67
CA ASN C 21 -20.92 8.11 -12.83
C ASN C 21 -20.24 9.42 -12.50
N ASP C 22 -19.47 9.43 -11.45
CA ASP C 22 -18.83 10.65 -10.97
C ASP C 22 -17.69 10.29 -10.04
N LYS C 23 -16.79 11.27 -9.91
CA LYS C 23 -15.73 11.16 -8.90
C LYS C 23 -16.28 11.47 -7.51
N ILE C 24 -15.57 11.07 -6.46
CA ILE C 24 -15.89 11.37 -5.09
C ILE C 24 -15.71 12.87 -4.80
N LEU C 25 -16.67 13.52 -4.17
CA LEU C 25 -16.50 14.90 -3.76
C LEU C 25 -15.76 15.06 -2.45
N SER C 26 -16.06 14.24 -1.44
CA SER C 26 -15.40 14.34 -0.15
C SER C 26 -15.15 12.96 0.40
N TYR C 27 -14.06 12.87 1.14
CA TYR C 27 -13.58 11.65 1.81
C TYR C 27 -13.40 11.95 3.26
N THR C 28 -13.95 11.17 4.15
CA THR C 28 -13.78 11.31 5.62
C THR C 28 -13.36 10.00 6.18
N GLU C 29 -12.42 10.02 7.13
CA GLU C 29 -11.86 8.86 7.75
C GLU C 29 -11.74 9.11 9.24
N SER C 30 -12.20 8.16 10.04
CA SER C 30 -12.12 8.25 11.49
C SER C 30 -11.42 7.03 12.13
N MET C 31 -10.54 7.34 13.09
CA MET C 31 -9.91 6.37 13.95
C MET C 31 -10.40 6.46 15.37
N ALA C 32 -11.46 7.23 15.61
CA ALA C 32 -12.07 7.38 16.91
C ALA C 32 -12.70 6.05 17.34
N GLY C 33 -12.53 5.64 18.60
CA GLY C 33 -12.95 4.34 19.07
C GLY C 33 -14.46 4.12 18.91
N LYS C 34 -14.87 3.02 18.36
CA LYS C 34 -16.16 2.58 17.96
C LYS C 34 -16.72 3.30 16.76
N ARG C 35 -15.97 4.23 16.14
CA ARG C 35 -16.31 4.89 14.89
C ARG C 35 -15.20 4.84 13.84
N GLU C 36 -14.58 3.65 13.73
CA GLU C 36 -13.48 3.42 12.81
C GLU C 36 -14.09 3.09 11.45
N MET C 37 -14.26 4.15 10.68
CA MET C 37 -15.10 4.13 9.46
C MET C 37 -14.63 5.14 8.42
N VAL C 38 -15.17 5.02 7.24
CA VAL C 38 -14.99 5.95 6.16
C VAL C 38 -16.37 6.39 5.66
N ILE C 39 -16.50 7.69 5.32
CA ILE C 39 -17.70 8.29 4.74
C ILE C 39 -17.27 8.99 3.43
N ILE C 40 -18.05 8.80 2.37
CA ILE C 40 -17.80 9.52 1.13
C ILE C 40 -19.10 10.23 0.75
N THR C 41 -18.88 11.35 0.03
CA THR C 41 -20.01 12.07 -0.56
C THR C 41 -19.73 12.40 -2.03
N PHE C 42 -20.82 12.68 -2.74
CA PHE C 42 -20.83 13.05 -4.15
C PHE C 42 -21.51 14.41 -4.27
N LYS C 43 -21.26 15.07 -5.36
CA LYS C 43 -21.81 16.40 -5.66
C LYS C 43 -23.32 16.30 -5.72
N SER C 44 -23.84 15.10 -6.05
CA SER C 44 -25.29 14.95 -5.98
C SER C 44 -25.86 15.14 -4.59
N GLY C 45 -25.01 15.06 -3.60
CA GLY C 45 -25.39 15.06 -2.19
C GLY C 45 -25.44 13.75 -1.48
N GLU C 46 -25.46 12.67 -2.18
CA GLU C 46 -25.52 11.28 -1.79
C GLU C 46 -24.26 10.98 -0.94
N THR C 47 -24.53 10.34 0.16
CA THR C 47 -23.51 10.03 1.13
C THR C 47 -23.51 8.52 1.43
N PHE C 48 -22.33 7.94 1.60
CA PHE C 48 -22.19 6.51 1.78
C PHE C 48 -21.12 6.25 2.87
N GLN C 49 -21.24 5.12 3.54
CA GLN C 49 -20.26 4.68 4.53
C GLN C 49 -19.69 3.30 4.21
N VAL C 50 -18.48 3.06 4.75
CA VAL C 50 -18.03 1.72 5.01
C VAL C 50 -18.22 1.58 6.52
N GLU C 51 -19.11 0.63 6.90
CA GLU C 51 -19.42 0.44 8.28
C GLU C 51 -18.28 0.05 9.21
N VAL C 52 -18.38 0.43 10.49
CA VAL C 52 -17.45 -0.09 11.48
C VAL C 52 -17.58 -1.58 11.54
N PRO C 53 -16.51 -2.31 11.59
CA PRO C 53 -16.66 -3.77 11.72
C PRO C 53 -17.41 -4.21 12.93
N GLY C 54 -18.32 -5.13 12.89
CA GLY C 54 -19.10 -5.70 13.86
C GLY C 54 -19.81 -6.97 13.49
N SER C 55 -20.82 -7.32 14.27
CA SER C 55 -21.52 -8.62 14.17
C SER C 55 -22.49 -8.62 13.02
N GLN C 56 -22.57 -7.57 12.20
CA GLN C 56 -23.28 -7.59 10.93
C GLN C 56 -22.36 -8.21 9.87
N HIS C 57 -21.09 -8.42 10.25
CA HIS C 57 -20.15 -9.01 9.32
C HIS C 57 -19.85 -10.42 9.69
N ILE C 58 -19.50 -11.23 8.71
CA ILE C 58 -18.91 -12.54 8.95
C ILE C 58 -17.40 -12.39 8.81
N ASP C 59 -16.62 -13.36 9.25
CA ASP C 59 -15.17 -13.24 9.31
C ASP C 59 -14.50 -12.97 7.95
N SER C 60 -15.10 -13.61 6.93
CA SER C 60 -14.51 -13.42 5.58
C SER C 60 -14.62 -12.00 5.08
N GLN C 61 -15.40 -11.18 5.70
CA GLN C 61 -15.54 -9.79 5.27
C GLN C 61 -14.46 -8.87 5.86
N LYS C 62 -13.76 -9.33 6.88
CA LYS C 62 -12.89 -8.37 7.61
C LYS C 62 -11.80 -7.79 6.72
N LYS C 63 -11.04 -8.60 5.99
CA LYS C 63 -10.00 -8.04 5.06
C LYS C 63 -10.71 -7.23 3.99
N ALA C 64 -11.85 -7.63 3.52
CA ALA C 64 -12.50 -6.91 2.47
C ALA C 64 -12.98 -5.54 2.88
N ILE C 65 -13.35 -5.39 4.14
CA ILE C 65 -13.73 -4.05 4.63
C ILE C 65 -12.51 -3.16 4.57
N GLU C 66 -11.32 -3.65 5.01
CA GLU C 66 -10.12 -2.81 4.94
C GLU C 66 -9.77 -2.48 3.46
N ARG C 67 -9.89 -3.44 2.55
CA ARG C 67 -9.64 -3.21 1.14
C ARG C 67 -10.54 -2.12 0.58
N MET C 68 -11.84 -2.20 0.94
CA MET C 68 -12.77 -1.21 0.39
C MET C 68 -12.39 0.23 0.82
N LYS C 69 -11.99 0.40 2.09
CA LYS C 69 -11.53 1.70 2.51
C LYS C 69 -10.28 2.13 1.76
N ASP C 70 -9.34 1.20 1.53
CA ASP C 70 -8.20 1.49 0.71
C ASP C 70 -8.60 1.96 -0.70
N THR C 71 -9.55 1.28 -1.31
CA THR C 71 -10.04 1.65 -2.61
C THR C 71 -10.66 3.04 -2.62
N LEU C 72 -11.48 3.38 -1.62
CA LEU C 72 -12.15 4.68 -1.66
C LEU C 72 -11.13 5.80 -1.55
N ARG C 73 -10.08 5.61 -0.73
CA ARG C 73 -9.08 6.67 -0.61
C ARG C 73 -8.34 6.94 -1.94
N ILE C 74 -7.89 5.84 -2.56
CA ILE C 74 -7.08 6.06 -3.77
C ILE C 74 -7.99 6.55 -4.89
N THR C 75 -9.24 6.08 -4.89
CA THR C 75 -10.21 6.61 -5.87
C THR C 75 -10.42 8.10 -5.71
N TYR C 76 -10.59 8.55 -4.48
CA TYR C 76 -10.74 9.96 -4.14
C TYR C 76 -9.52 10.71 -4.66
N LEU C 77 -8.34 10.25 -4.27
CA LEU C 77 -7.11 11.00 -4.59
C LEU C 77 -6.82 11.10 -6.08
N THR C 78 -7.20 10.12 -6.84
CA THR C 78 -6.93 10.08 -8.25
C THR C 78 -8.07 10.64 -9.10
N GLU C 79 -9.14 11.05 -8.43
CA GLU C 79 -10.30 11.66 -9.09
C GLU C 79 -10.92 10.66 -10.08
N THR C 80 -10.79 9.37 -9.72
CA THR C 80 -11.33 8.32 -10.56
C THR C 80 -12.85 8.30 -10.50
N LYS C 81 -13.44 8.17 -11.73
CA LYS C 81 -14.91 8.15 -11.75
C LYS C 81 -15.45 6.80 -11.26
N ILE C 82 -16.38 6.78 -10.36
CA ILE C 82 -17.12 5.58 -9.95
C ILE C 82 -18.30 5.43 -10.85
N ASP C 83 -18.50 4.18 -11.27
CA ASP C 83 -19.65 3.85 -12.09
C ASP C 83 -20.85 3.58 -11.18
N LYS C 84 -20.77 2.47 -10.44
CA LYS C 84 -21.85 2.11 -9.56
C LYS C 84 -21.41 1.77 -8.16
N LEU C 85 -22.30 1.90 -7.18
CA LEU C 85 -22.12 1.38 -5.83
C LEU C 85 -23.32 0.46 -5.57
N CYS C 86 -23.07 -0.73 -5.11
CA CYS C 86 -24.10 -1.63 -4.53
C CYS C 86 -24.01 -1.37 -3.04
N VAL C 87 -25.15 -0.97 -2.46
CA VAL C 87 -25.19 -0.61 -1.07
C VAL C 87 -26.31 -1.33 -0.32
N TRP C 88 -26.17 -1.56 0.97
CA TRP C 88 -27.25 -1.94 1.87
C TRP C 88 -27.98 -0.66 2.23
N ASN C 89 -29.27 -0.60 1.87
CA ASN C 89 -29.97 0.65 2.09
C ASN C 89 -30.80 0.69 3.38
N ASN C 90 -30.55 -0.26 4.29
CA ASN C 90 -31.15 -0.31 5.60
C ASN C 90 -30.23 0.32 6.62
N LYS C 91 -29.27 1.11 6.24
CA LYS C 91 -28.36 1.85 7.09
C LYS C 91 -28.32 3.32 6.64
N THR C 92 -27.98 4.18 7.59
CA THR C 92 -27.81 5.59 7.37
C THR C 92 -26.41 6.00 7.80
N PRO C 93 -25.53 6.52 6.94
CA PRO C 93 -25.65 6.54 5.52
C PRO C 93 -25.73 5.10 4.94
N ASN C 94 -26.23 5.04 3.70
CA ASN C 94 -26.23 3.74 3.02
C ASN C 94 -24.83 3.14 3.03
N SER C 95 -24.77 1.84 3.18
CA SER C 95 -23.53 1.14 3.46
C SER C 95 -22.99 0.39 2.27
N ILE C 96 -21.74 0.65 1.93
CA ILE C 96 -21.17 0.06 0.71
C ILE C 96 -20.87 -1.42 0.82
N ALA C 97 -21.48 -2.16 -0.15
CA ALA C 97 -21.23 -3.59 -0.35
C ALA C 97 -20.28 -3.84 -1.51
N ALA C 98 -20.36 -3.10 -2.59
CA ALA C 98 -19.50 -3.28 -3.77
C ALA C 98 -19.45 -1.97 -4.54
N ILE C 99 -18.37 -1.86 -5.33
CA ILE C 99 -18.08 -0.73 -6.18
C ILE C 99 -17.62 -1.21 -7.55
N SER C 100 -18.00 -0.41 -8.55
CA SER C 100 -17.51 -0.65 -9.93
C SER C 100 -17.01 0.66 -10.51
N MET C 101 -16.06 0.54 -11.41
CA MET C 101 -15.52 1.64 -12.15
C MET C 101 -15.23 1.23 -13.57
N LYS C 102 -15.49 2.11 -14.52
CA LYS C 102 -15.18 1.73 -15.89
C LYS C 102 -14.52 2.89 -16.56
N ASN C 103 -13.76 2.56 -17.64
CA ASN C 103 -13.26 3.67 -18.43
C ASN C 103 -13.55 3.23 -19.87
N ALA D 1 12.42 -22.54 -11.63
CA ALA D 1 11.09 -21.91 -11.66
C ALA D 1 10.79 -21.50 -13.10
N PRO D 2 9.52 -21.22 -13.38
CA PRO D 2 9.19 -20.80 -14.74
C PRO D 2 9.80 -19.48 -15.06
N GLN D 3 9.99 -19.19 -16.32
CA GLN D 3 10.50 -17.95 -16.86
C GLN D 3 9.41 -17.10 -17.50
N THR D 4 8.24 -17.66 -17.77
CA THR D 4 7.16 -16.94 -18.39
C THR D 4 5.85 -17.43 -17.80
N ILE D 5 4.84 -16.62 -18.02
CA ILE D 5 3.48 -16.94 -17.62
C ILE D 5 2.96 -18.17 -18.30
N THR D 6 3.31 -18.38 -19.56
CA THR D 6 2.79 -19.58 -20.24
C THR D 6 3.41 -20.88 -19.70
N GLU D 7 4.70 -20.81 -19.45
CA GLU D 7 5.39 -21.97 -18.84
C GLU D 7 4.73 -22.37 -17.54
N LEU D 8 4.51 -21.31 -16.68
CA LEU D 8 3.92 -21.48 -15.35
C LEU D 8 2.52 -22.08 -15.49
N CYS D 9 1.69 -21.49 -16.36
CA CYS D 9 0.31 -21.90 -16.54
C CYS D 9 0.17 -23.35 -16.94
N SER D 10 1.10 -23.80 -17.77
CA SER D 10 1.08 -25.18 -18.25
C SER D 10 1.42 -26.16 -17.16
N GLU D 11 1.89 -25.77 -15.97
CA GLU D 11 2.07 -26.72 -14.87
C GLU D 11 0.79 -27.18 -14.21
N TYR D 12 -0.34 -26.57 -14.52
CA TYR D 12 -1.60 -26.75 -13.80
C TYR D 12 -2.66 -27.33 -14.74
N ARG D 13 -3.50 -28.15 -14.16
CA ARG D 13 -4.67 -28.66 -14.89
C ARG D 13 -5.76 -27.57 -14.90
N ASN D 14 -6.66 -27.69 -15.87
CA ASN D 14 -7.79 -26.86 -15.97
C ASN D 14 -7.40 -25.39 -16.14
N THR D 15 -6.33 -25.09 -16.84
CA THR D 15 -5.94 -23.74 -17.14
C THR D 15 -5.80 -23.50 -18.65
N GLN D 16 -5.85 -22.20 -18.96
CA GLN D 16 -5.49 -21.73 -20.32
C GLN D 16 -5.01 -20.28 -20.20
N ILE D 17 -4.26 -19.90 -21.23
CA ILE D 17 -3.80 -18.53 -21.41
C ILE D 17 -4.77 -17.76 -22.29
N TYR D 18 -5.22 -16.60 -21.84
CA TYR D 18 -5.86 -15.59 -22.66
C TYR D 18 -4.85 -14.47 -22.96
N THR D 19 -4.77 -14.15 -24.23
CA THR D 19 -3.95 -13.06 -24.67
C THR D 19 -4.87 -11.84 -24.78
N ILE D 20 -4.70 -10.90 -23.86
CA ILE D 20 -5.61 -9.78 -23.73
C ILE D 20 -5.09 -8.57 -24.52
N ASN D 21 -3.81 -8.21 -24.31
CA ASN D 21 -3.21 -7.11 -24.99
C ASN D 21 -4.09 -5.87 -24.94
N ASP D 22 -4.54 -5.56 -23.71
CA ASP D 22 -5.42 -4.42 -23.53
C ASP D 22 -5.43 -4.04 -22.06
N LYS D 23 -5.87 -2.83 -21.76
CA LYS D 23 -6.15 -2.37 -20.46
C LYS D 23 -7.52 -2.90 -20.01
N ILE D 24 -7.69 -2.93 -18.68
CA ILE D 24 -8.99 -3.31 -18.09
C ILE D 24 -10.02 -2.28 -18.41
N LEU D 25 -11.19 -2.75 -18.87
CA LEU D 25 -12.34 -1.90 -19.14
C LEU D 25 -13.11 -1.54 -17.87
N SER D 26 -13.43 -2.53 -17.04
CA SER D 26 -14.10 -2.28 -15.78
C SER D 26 -13.51 -3.15 -14.66
N TYR D 27 -13.54 -2.56 -13.48
CA TYR D 27 -13.09 -3.13 -12.22
C TYR D 27 -14.25 -3.13 -11.25
N THR D 28 -14.56 -4.24 -10.61
CA THR D 28 -15.61 -4.39 -9.62
C THR D 28 -15.05 -5.09 -8.40
N GLU D 29 -15.31 -4.57 -7.21
CA GLU D 29 -14.79 -5.08 -5.96
C GLU D 29 -15.94 -5.17 -4.98
N SER D 30 -16.03 -6.29 -4.30
CA SER D 30 -17.07 -6.57 -3.34
C SER D 30 -16.56 -7.01 -1.98
N MET D 31 -17.20 -6.41 -0.96
CA MET D 31 -17.02 -6.81 0.39
C MET D 31 -18.26 -7.47 0.97
N ALA D 32 -19.22 -7.80 0.14
CA ALA D 32 -20.47 -8.46 0.51
C ALA D 32 -20.16 -9.85 1.00
N GLY D 33 -20.85 -10.29 2.07
CA GLY D 33 -20.54 -11.60 2.62
C GLY D 33 -20.72 -12.72 1.65
N LYS D 34 -19.77 -13.61 1.62
CA LYS D 34 -19.69 -14.76 0.66
C LYS D 34 -19.37 -14.40 -0.75
N ARG D 35 -19.22 -13.10 -1.02
CA ARG D 35 -18.84 -12.63 -2.32
C ARG D 35 -17.71 -11.60 -2.24
N GLU D 36 -16.70 -11.93 -1.42
CA GLU D 36 -15.55 -11.07 -1.21
C GLU D 36 -14.57 -11.29 -2.37
N MET D 37 -14.69 -10.59 -3.47
CA MET D 37 -14.10 -10.95 -4.73
C MET D 37 -13.88 -9.68 -5.54
N VAL D 38 -13.10 -9.82 -6.58
CA VAL D 38 -12.88 -8.82 -7.63
C VAL D 38 -13.22 -9.40 -8.98
N ILE D 39 -13.85 -8.60 -9.80
CA ILE D 39 -14.19 -8.94 -11.20
C ILE D 39 -13.64 -7.93 -12.16
N ILE D 40 -12.98 -8.37 -13.22
CA ILE D 40 -12.52 -7.43 -14.24
C ILE D 40 -13.13 -7.86 -15.56
N THR D 41 -13.31 -6.86 -16.41
CA THR D 41 -13.80 -7.11 -17.78
C THR D 41 -12.97 -6.33 -18.76
N PHE D 42 -13.01 -6.75 -20.00
CA PHE D 42 -12.31 -6.14 -21.12
C PHE D 42 -13.32 -5.73 -22.23
N LYS D 43 -12.85 -4.85 -23.08
CA LYS D 43 -13.75 -4.41 -24.20
C LYS D 43 -14.10 -5.58 -25.11
N SER D 44 -13.33 -6.65 -25.11
CA SER D 44 -13.63 -7.78 -25.89
C SER D 44 -14.89 -8.50 -25.36
N GLY D 45 -15.28 -8.20 -24.16
CA GLY D 45 -16.37 -8.94 -23.52
C GLY D 45 -16.02 -9.95 -22.50
N GLU D 46 -14.79 -10.33 -22.35
CA GLU D 46 -14.17 -11.31 -21.54
C GLU D 46 -14.19 -10.76 -20.11
N THR D 47 -14.56 -11.67 -19.20
CA THR D 47 -14.73 -11.39 -17.76
C THR D 47 -13.97 -12.41 -16.93
N PHE D 48 -13.27 -11.95 -15.91
CA PHE D 48 -12.47 -12.82 -15.03
C PHE D 48 -12.66 -12.41 -13.58
N GLN D 49 -12.48 -13.36 -12.66
CA GLN D 49 -12.56 -13.09 -11.25
C GLN D 49 -11.28 -13.41 -10.53
N VAL D 50 -11.02 -12.81 -9.40
CA VAL D 50 -10.22 -13.38 -8.34
C VAL D 50 -11.25 -13.98 -7.37
N GLU D 51 -11.14 -15.28 -7.16
CA GLU D 51 -12.10 -16.04 -6.40
C GLU D 51 -12.10 -15.58 -4.94
N VAL D 52 -13.25 -15.78 -4.30
CA VAL D 52 -13.40 -15.72 -2.89
C VAL D 52 -12.44 -16.75 -2.27
N PRO D 53 -11.71 -16.36 -1.26
CA PRO D 53 -10.82 -17.38 -0.66
C PRO D 53 -11.68 -18.46 -0.07
N GLY D 54 -11.20 -19.66 -0.06
CA GLY D 54 -11.83 -20.93 0.21
C GLY D 54 -10.99 -22.14 0.41
N SER D 55 -11.68 -23.25 0.65
CA SER D 55 -10.92 -24.46 0.98
C SER D 55 -10.08 -24.98 -0.17
N GLN D 56 -10.35 -24.45 -1.38
CA GLN D 56 -9.48 -24.92 -2.47
C GLN D 56 -8.11 -24.28 -2.41
N HIS D 57 -7.93 -23.18 -1.67
CA HIS D 57 -6.66 -22.52 -1.55
C HIS D 57 -5.76 -23.03 -0.45
N ILE D 58 -4.48 -22.99 -0.68
CA ILE D 58 -3.54 -23.43 0.38
C ILE D 58 -3.02 -22.21 1.10
N ASP D 59 -2.38 -22.36 2.22
CA ASP D 59 -1.99 -21.26 3.03
C ASP D 59 -1.06 -20.31 2.29
N SER D 60 -0.16 -20.85 1.49
CA SER D 60 0.76 -19.93 0.78
C SER D 60 0.07 -19.04 -0.23
N GLN D 61 -1.18 -19.36 -0.58
CA GLN D 61 -1.94 -18.51 -1.45
C GLN D 61 -2.67 -17.33 -0.79
N LYS D 62 -2.79 -17.35 0.51
CA LYS D 62 -3.56 -16.28 1.17
C LYS D 62 -3.04 -14.92 0.87
N LYS D 63 -1.72 -14.69 1.09
CA LYS D 63 -1.15 -13.37 0.73
C LYS D 63 -1.22 -13.11 -0.75
N ALA D 64 -1.01 -14.17 -1.55
CA ALA D 64 -0.91 -13.94 -2.95
C ALA D 64 -2.27 -13.54 -3.51
N ILE D 65 -3.36 -14.06 -2.97
CA ILE D 65 -4.72 -13.66 -3.43
C ILE D 65 -4.92 -12.20 -3.16
N GLU D 66 -4.51 -11.72 -1.99
CA GLU D 66 -4.65 -10.32 -1.65
C GLU D 66 -3.73 -9.46 -2.55
N ARG D 67 -2.55 -9.97 -2.91
CA ARG D 67 -1.68 -9.23 -3.80
C ARG D 67 -2.26 -9.08 -5.17
N MET D 68 -2.87 -10.19 -5.68
CA MET D 68 -3.45 -10.14 -7.01
C MET D 68 -4.56 -9.11 -7.09
N LYS D 69 -5.44 -9.03 -6.06
CA LYS D 69 -6.46 -8.02 -6.04
C LYS D 69 -5.83 -6.62 -6.01
N ASP D 70 -4.78 -6.43 -5.22
CA ASP D 70 -4.08 -5.17 -5.18
C ASP D 70 -3.57 -4.76 -6.60
N THR D 71 -2.96 -5.74 -7.25
CA THR D 71 -2.42 -5.53 -8.60
C THR D 71 -3.53 -5.14 -9.60
N LEU D 72 -4.68 -5.88 -9.55
CA LEU D 72 -5.74 -5.51 -10.49
C LEU D 72 -6.26 -4.09 -10.29
N ARG D 73 -6.41 -3.68 -9.03
CA ARG D 73 -6.88 -2.35 -8.78
C ARG D 73 -5.96 -1.29 -9.38
N ILE D 74 -4.66 -1.40 -9.07
CA ILE D 74 -3.73 -0.37 -9.52
C ILE D 74 -3.51 -0.44 -11.01
N THR D 75 -3.55 -1.64 -11.60
CA THR D 75 -3.48 -1.77 -13.04
C THR D 75 -4.66 -1.06 -13.68
N TYR D 76 -5.85 -1.27 -13.14
CA TYR D 76 -7.02 -0.54 -13.65
C TYR D 76 -6.80 0.95 -13.58
N LEU D 77 -6.47 1.46 -12.41
CA LEU D 77 -6.41 2.89 -12.16
C LEU D 77 -5.39 3.61 -13.06
N THR D 78 -4.35 2.88 -13.37
CA THR D 78 -3.27 3.45 -14.18
C THR D 78 -3.38 3.15 -15.65
N GLU D 79 -4.50 2.51 -16.06
CA GLU D 79 -4.78 2.19 -17.44
C GLU D 79 -3.61 1.36 -18.05
N THR D 80 -3.03 0.49 -17.23
CA THR D 80 -1.92 -0.36 -17.69
C THR D 80 -2.41 -1.54 -18.51
N LYS D 81 -1.67 -1.77 -19.60
CA LYS D 81 -2.04 -2.85 -20.51
C LYS D 81 -1.66 -4.19 -19.93
N ILE D 82 -2.58 -5.14 -19.98
CA ILE D 82 -2.38 -6.53 -19.62
C ILE D 82 -2.00 -7.26 -20.92
N ASP D 83 -0.93 -8.06 -20.82
CA ASP D 83 -0.52 -8.94 -21.90
C ASP D 83 -1.32 -10.21 -21.85
N LYS D 84 -1.03 -11.10 -20.90
CA LYS D 84 -1.72 -12.37 -20.76
C LYS D 84 -2.28 -12.59 -19.37
N LEU D 85 -3.28 -13.44 -19.35
CA LEU D 85 -3.84 -13.96 -18.10
C LEU D 85 -3.77 -15.51 -18.17
N CYS D 86 -3.30 -16.15 -17.10
CA CYS D 86 -3.41 -17.58 -16.91
C CYS D 86 -4.69 -17.75 -16.04
N VAL D 87 -5.67 -18.51 -16.53
CA VAL D 87 -6.90 -18.68 -15.81
C VAL D 87 -7.29 -20.09 -15.64
N TRP D 88 -7.99 -20.37 -14.55
CA TRP D 88 -8.68 -21.65 -14.39
C TRP D 88 -10.05 -21.57 -15.09
N ASN D 89 -10.29 -22.56 -15.97
CA ASN D 89 -11.47 -22.65 -16.79
C ASN D 89 -12.57 -23.57 -16.23
N ASN D 90 -12.40 -23.99 -15.01
CA ASN D 90 -13.42 -24.78 -14.29
C ASN D 90 -14.17 -23.91 -13.29
N LYS D 91 -14.18 -22.61 -13.49
CA LYS D 91 -14.93 -21.60 -12.74
C LYS D 91 -15.55 -20.61 -13.73
N THR D 92 -16.65 -20.04 -13.32
CA THR D 92 -17.36 -19.03 -14.06
C THR D 92 -17.61 -17.81 -13.21
N PRO D 93 -17.13 -16.64 -13.57
CA PRO D 93 -16.18 -16.41 -14.66
C PRO D 93 -14.85 -17.11 -14.41
N ASN D 94 -14.11 -17.25 -15.49
CA ASN D 94 -12.79 -17.89 -15.29
C ASN D 94 -12.02 -17.10 -14.22
N SER D 95 -11.21 -17.88 -13.47
CA SER D 95 -10.49 -17.47 -12.30
C SER D 95 -9.04 -17.19 -12.52
N ILE D 96 -8.52 -16.08 -12.10
CA ILE D 96 -7.12 -15.70 -12.39
C ILE D 96 -6.14 -16.43 -11.51
N ALA D 97 -5.18 -17.09 -12.17
CA ALA D 97 -4.03 -17.73 -11.56
C ALA D 97 -2.78 -16.85 -11.64
N ALA D 98 -2.61 -16.14 -12.79
CA ALA D 98 -1.44 -15.31 -13.01
C ALA D 98 -1.74 -14.24 -14.07
N ILE D 99 -0.96 -13.20 -14.04
CA ILE D 99 -1.13 -12.07 -14.91
C ILE D 99 0.23 -11.60 -15.39
N SER D 100 0.32 -11.12 -16.59
CA SER D 100 1.50 -10.43 -17.10
C SER D 100 1.11 -9.15 -17.72
N MET D 101 1.97 -8.16 -17.53
CA MET D 101 1.79 -6.83 -18.15
C MET D 101 3.04 -6.47 -18.92
N LYS D 102 2.80 -5.88 -20.08
CA LYS D 102 3.74 -5.44 -21.02
C LYS D 102 3.01 -4.47 -21.92
N ASN D 103 3.62 -3.42 -22.21
CA ASN D 103 3.05 -2.53 -23.25
C ASN D 103 3.22 -3.03 -24.68
N ALA E 1 27.08 -1.81 8.48
CA ALA E 1 26.24 -2.40 7.43
C ALA E 1 26.82 -1.97 6.09
N PRO E 2 26.47 -2.61 4.97
CA PRO E 2 26.96 -2.16 3.67
C PRO E 2 26.45 -0.77 3.31
N GLN E 3 27.20 -0.11 2.40
CA GLN E 3 26.81 1.19 1.99
C GLN E 3 26.28 1.25 0.59
N THR E 4 26.50 0.20 -0.14
CA THR E 4 26.06 0.10 -1.51
C THR E 4 25.61 -1.29 -1.87
N ILE E 5 24.85 -1.39 -2.96
CA ILE E 5 24.37 -2.72 -3.36
C ILE E 5 25.51 -3.59 -3.76
N THR E 6 26.61 -3.11 -4.31
CA THR E 6 27.73 -3.98 -4.66
C THR E 6 28.37 -4.56 -3.43
N GLU E 7 28.63 -3.81 -2.38
CA GLU E 7 29.20 -4.17 -1.09
C GLU E 7 28.27 -5.23 -0.51
N LEU E 8 26.96 -5.04 -0.51
CA LEU E 8 26.06 -5.98 0.08
C LEU E 8 26.12 -7.27 -0.73
N CYS E 9 26.09 -7.15 -2.06
CA CYS E 9 26.06 -8.32 -2.90
C CYS E 9 27.29 -9.23 -2.64
N SER E 10 28.46 -8.63 -2.43
CA SER E 10 29.71 -9.28 -2.28
C SER E 10 29.77 -10.06 -0.98
N GLU E 11 28.83 -9.80 -0.09
CA GLU E 11 28.82 -10.61 1.17
C GLU E 11 28.25 -12.02 1.00
N TYR E 12 27.63 -12.33 -0.17
CA TYR E 12 26.96 -13.59 -0.43
C TYR E 12 27.68 -14.39 -1.49
N ARG E 13 27.67 -15.70 -1.32
CA ARG E 13 28.13 -16.59 -2.39
C ARG E 13 27.14 -16.67 -3.52
N ASN E 14 27.63 -17.02 -4.69
CA ASN E 14 26.75 -17.33 -5.80
C ASN E 14 25.94 -16.09 -6.26
N THR E 15 26.49 -14.91 -6.09
CA THR E 15 25.79 -13.74 -6.59
C THR E 15 26.57 -12.99 -7.65
N GLN E 16 25.84 -12.14 -8.35
CA GLN E 16 26.50 -11.21 -9.27
C GLN E 16 25.63 -9.98 -9.40
N ILE E 17 26.28 -8.91 -9.78
CA ILE E 17 25.60 -7.70 -10.11
C ILE E 17 25.28 -7.61 -11.59
N TYR E 18 24.00 -7.37 -11.95
CA TYR E 18 23.62 -6.95 -13.27
C TYR E 18 23.39 -5.46 -13.24
N THR E 19 24.08 -4.78 -14.17
CA THR E 19 23.83 -3.35 -14.36
C THR E 19 22.80 -3.22 -15.48
N ILE E 20 21.60 -2.89 -15.05
CA ILE E 20 20.40 -2.82 -15.94
C ILE E 20 20.26 -1.51 -16.65
N ASN E 21 20.28 -0.47 -15.82
CA ASN E 21 20.08 0.91 -16.30
C ASN E 21 18.92 1.02 -17.25
N ASP E 22 17.74 0.51 -16.81
CA ASP E 22 16.59 0.56 -17.70
C ASP E 22 15.35 0.24 -16.83
N LYS E 23 14.19 0.63 -17.37
CA LYS E 23 12.94 0.28 -16.78
C LYS E 23 12.64 -1.20 -17.05
N ILE E 24 11.75 -1.75 -16.27
CA ILE E 24 11.23 -3.09 -16.44
C ILE E 24 10.34 -3.13 -17.71
N LEU E 25 10.55 -4.10 -18.58
CA LEU E 25 9.77 -4.32 -19.76
C LEU E 25 8.50 -5.13 -19.49
N SER E 26 8.56 -6.20 -18.73
CA SER E 26 7.37 -6.97 -18.40
C SER E 26 7.45 -7.40 -16.91
N TYR E 27 6.21 -7.47 -16.36
CA TYR E 27 5.95 -7.87 -15.01
C TYR E 27 4.91 -9.00 -15.06
N THR E 28 5.26 -10.10 -14.34
CA THR E 28 4.44 -11.31 -14.21
C THR E 28 4.28 -11.66 -12.73
N GLU E 29 3.02 -11.95 -12.37
CA GLU E 29 2.70 -12.27 -11.00
C GLU E 29 1.75 -13.44 -11.00
N SER E 30 2.08 -14.44 -10.14
CA SER E 30 1.31 -15.67 -10.00
C SER E 30 0.82 -15.89 -8.57
N MET E 31 -0.44 -16.24 -8.42
CA MET E 31 -1.04 -16.69 -7.23
C MET E 31 -1.37 -18.17 -7.27
N ALA E 32 -0.89 -18.88 -8.26
CA ALA E 32 -1.06 -20.31 -8.35
C ALA E 32 -0.28 -21.02 -7.24
N GLY E 33 -0.95 -22.04 -6.65
CA GLY E 33 -0.36 -22.72 -5.53
C GLY E 33 1.01 -23.32 -5.83
N LYS E 34 1.96 -23.07 -4.93
CA LYS E 34 3.38 -23.47 -5.01
C LYS E 34 4.17 -22.68 -6.07
N ARG E 35 3.55 -21.72 -6.72
CA ARG E 35 4.21 -20.83 -7.67
C ARG E 35 3.82 -19.32 -7.39
N GLU E 36 3.78 -19.01 -6.08
CA GLU E 36 3.44 -17.66 -5.67
C GLU E 36 4.66 -16.76 -5.81
N MET E 37 4.85 -16.17 -6.95
CA MET E 37 6.11 -15.54 -7.34
C MET E 37 5.85 -14.39 -8.32
N VAL E 38 6.95 -13.63 -8.49
CA VAL E 38 7.00 -12.57 -9.51
C VAL E 38 8.17 -12.80 -10.43
N ILE E 39 7.96 -12.51 -11.71
CA ILE E 39 9.00 -12.57 -12.72
C ILE E 39 9.03 -11.23 -13.45
N ILE E 40 10.24 -10.65 -13.60
CA ILE E 40 10.41 -9.45 -14.41
C ILE E 40 11.34 -9.71 -15.57
N THR E 41 11.10 -8.98 -16.66
CA THR E 41 12.04 -9.02 -17.78
C THR E 41 12.39 -7.63 -18.23
N PHE E 42 13.52 -7.57 -18.95
CA PHE E 42 14.03 -6.31 -19.52
C PHE E 42 14.09 -6.38 -21.03
N LYS E 43 14.18 -5.20 -21.67
CA LYS E 43 14.32 -5.14 -23.09
C LYS E 43 15.51 -5.94 -23.64
N SER E 44 16.59 -5.99 -22.88
CA SER E 44 17.79 -6.73 -23.13
C SER E 44 17.58 -8.22 -23.20
N GLY E 45 16.43 -8.69 -22.76
CA GLY E 45 16.11 -10.13 -22.80
C GLY E 45 16.28 -10.76 -21.43
N GLU E 46 16.87 -10.18 -20.42
CA GLU E 46 17.12 -10.83 -19.16
C GLU E 46 15.83 -11.01 -18.37
N THR E 47 15.75 -12.10 -17.61
CA THR E 47 14.60 -12.52 -16.82
C THR E 47 15.07 -12.79 -15.40
N PHE E 48 14.32 -12.28 -14.44
CA PHE E 48 14.64 -12.52 -13.06
C PHE E 48 13.39 -12.85 -12.26
N GLN E 49 13.57 -13.60 -11.19
CA GLN E 49 12.46 -13.89 -10.28
C GLN E 49 12.66 -13.38 -8.88
N VAL E 50 11.57 -13.13 -8.18
CA VAL E 50 11.47 -13.21 -6.73
C VAL E 50 10.94 -14.61 -6.44
N GLU E 51 11.78 -15.42 -5.74
CA GLU E 51 11.46 -16.83 -5.51
C GLU E 51 10.21 -17.01 -4.62
N VAL E 52 9.55 -18.13 -4.82
CA VAL E 52 8.50 -18.58 -3.89
C VAL E 52 9.07 -18.67 -2.50
N PRO E 53 8.42 -18.19 -1.47
CA PRO E 53 8.99 -18.41 -0.12
C PRO E 53 9.10 -19.87 0.19
N GLY E 54 10.14 -20.43 0.76
CA GLY E 54 10.51 -21.71 0.99
C GLY E 54 11.46 -21.88 2.14
N SER E 55 11.89 -23.17 2.29
CA SER E 55 12.66 -23.52 3.49
C SER E 55 14.05 -22.97 3.40
N GLN E 56 14.48 -22.45 2.22
CA GLN E 56 15.78 -21.83 2.16
C GLN E 56 15.84 -20.43 2.77
N HIS E 57 14.69 -19.81 3.03
CA HIS E 57 14.53 -18.50 3.59
C HIS E 57 14.39 -18.55 5.11
N ILE E 58 14.91 -17.52 5.72
CA ILE E 58 14.84 -17.36 7.18
C ILE E 58 13.66 -16.43 7.47
N ASP E 59 13.14 -16.47 8.71
CA ASP E 59 11.92 -15.76 9.04
C ASP E 59 12.01 -14.28 8.68
N SER E 60 13.14 -13.65 8.87
CA SER E 60 13.30 -12.23 8.61
C SER E 60 13.14 -11.86 7.14
N GLN E 61 13.26 -12.84 6.28
CA GLN E 61 13.09 -12.61 4.84
C GLN E 61 11.63 -12.61 4.43
N LYS E 62 10.72 -13.11 5.30
CA LYS E 62 9.32 -13.21 4.80
C LYS E 62 8.76 -11.87 4.41
N LYS E 63 8.82 -10.90 5.30
CA LYS E 63 8.36 -9.55 5.01
C LYS E 63 9.15 -8.90 3.91
N ALA E 64 10.46 -9.19 3.83
CA ALA E 64 11.31 -8.55 2.80
C ALA E 64 10.96 -9.11 1.46
N ILE E 65 10.58 -10.37 1.31
CA ILE E 65 10.16 -10.99 0.03
C ILE E 65 8.92 -10.23 -0.47
N GLU E 66 7.96 -10.03 0.46
CA GLU E 66 6.75 -9.32 0.06
C GLU E 66 7.02 -7.89 -0.32
N ARG E 67 7.94 -7.24 0.39
CA ARG E 67 8.31 -5.88 0.02
C ARG E 67 8.93 -5.79 -1.36
N MET E 68 9.80 -6.74 -1.71
CA MET E 68 10.48 -6.74 -2.99
C MET E 68 9.46 -6.84 -4.10
N LYS E 69 8.47 -7.72 -3.90
CA LYS E 69 7.42 -7.79 -4.92
C LYS E 69 6.64 -6.50 -5.02
N ASP E 70 6.35 -5.89 -3.88
CA ASP E 70 5.71 -4.59 -3.95
C ASP E 70 6.52 -3.58 -4.73
N THR E 71 7.83 -3.56 -4.46
CA THR E 71 8.69 -2.65 -5.15
C THR E 71 8.75 -2.87 -6.65
N LEU E 72 8.84 -4.12 -7.05
CA LEU E 72 8.92 -4.44 -8.46
C LEU E 72 7.65 -3.98 -9.17
N ARG E 73 6.50 -4.16 -8.56
CA ARG E 73 5.24 -3.74 -9.20
C ARG E 73 5.19 -2.24 -9.38
N ILE E 74 5.46 -1.45 -8.34
CA ILE E 74 5.36 -0.01 -8.52
C ILE E 74 6.47 0.52 -9.38
N THR E 75 7.65 -0.09 -9.35
CA THR E 75 8.72 0.29 -10.28
C THR E 75 8.29 0.12 -11.71
N TYR E 76 7.68 -1.04 -12.02
CA TYR E 76 7.14 -1.33 -13.35
C TYR E 76 6.11 -0.27 -13.75
N LEU E 77 5.12 -0.05 -12.89
CA LEU E 77 3.99 0.87 -13.31
C LEU E 77 4.47 2.27 -13.50
N THR E 78 5.46 2.73 -12.76
CA THR E 78 5.92 4.08 -12.84
C THR E 78 7.04 4.28 -13.87
N GLU E 79 7.47 3.19 -14.53
CA GLU E 79 8.56 3.22 -15.53
C GLU E 79 9.83 3.74 -14.90
N THR E 80 10.05 3.39 -13.66
CA THR E 80 11.26 3.78 -12.94
C THR E 80 12.43 2.92 -13.39
N LYS E 81 13.57 3.56 -13.68
CA LYS E 81 14.75 2.86 -14.11
C LYS E 81 15.40 2.14 -12.98
N ILE E 82 15.67 0.90 -13.23
CA ILE E 82 16.48 0.13 -12.31
C ILE E 82 17.96 0.36 -12.65
N ASP E 83 18.77 0.55 -11.63
CA ASP E 83 20.20 0.68 -11.83
C ASP E 83 20.86 -0.73 -11.80
N LYS E 84 20.96 -1.33 -10.63
CA LYS E 84 21.55 -2.65 -10.47
C LYS E 84 20.60 -3.64 -9.81
N LEU E 85 20.84 -4.91 -10.17
CA LEU E 85 20.26 -6.03 -9.47
C LEU E 85 21.38 -6.88 -8.94
N CYS E 86 21.27 -7.30 -7.68
CA CYS E 86 22.09 -8.31 -7.07
C CYS E 86 21.23 -9.59 -7.12
N VAL E 87 21.73 -10.62 -7.80
CA VAL E 87 21.03 -11.85 -8.05
C VAL E 87 21.88 -13.06 -7.71
N TRP E 88 21.16 -14.12 -7.30
CA TRP E 88 21.80 -15.45 -7.17
C TRP E 88 21.76 -16.16 -8.51
N ASN E 89 22.92 -16.68 -8.90
CA ASN E 89 23.05 -17.29 -10.22
C ASN E 89 23.03 -18.81 -10.24
N ASN E 90 22.62 -19.40 -9.09
CA ASN E 90 22.41 -20.81 -8.94
C ASN E 90 20.91 -21.13 -9.03
N LYS E 91 20.07 -20.24 -9.58
CA LYS E 91 18.65 -20.41 -9.82
C LYS E 91 18.29 -19.99 -11.25
N THR E 92 17.26 -20.65 -11.73
CA THR E 92 16.72 -20.39 -13.05
C THR E 92 15.30 -19.90 -12.89
N PRO E 93 14.85 -18.73 -13.33
CA PRO E 93 15.77 -17.66 -13.70
C PRO E 93 16.53 -17.19 -12.44
N ASN E 94 17.55 -16.35 -12.65
CA ASN E 94 18.31 -15.86 -11.49
C ASN E 94 17.36 -15.15 -10.56
N SER E 95 17.73 -15.25 -9.28
CA SER E 95 16.88 -14.83 -8.14
C SER E 95 17.36 -13.51 -7.53
N ILE E 96 16.38 -12.60 -7.37
CA ILE E 96 16.70 -11.29 -6.81
C ILE E 96 16.98 -11.34 -5.32
N ALA E 97 18.16 -10.81 -4.95
CA ALA E 97 18.58 -10.55 -3.60
C ALA E 97 18.40 -9.05 -3.25
N ALA E 98 18.73 -8.15 -4.17
CA ALA E 98 18.67 -6.72 -3.89
C ALA E 98 18.52 -5.94 -5.21
N ILE E 99 17.99 -4.73 -5.09
CA ILE E 99 17.83 -3.84 -6.21
C ILE E 99 18.27 -2.45 -5.79
N SER E 100 18.70 -1.71 -6.81
CA SER E 100 18.98 -0.32 -6.63
C SER E 100 18.36 0.46 -7.81
N MET E 101 17.97 1.70 -7.52
CA MET E 101 17.43 2.65 -8.48
C MET E 101 18.11 4.01 -8.24
N LYS E 102 18.47 4.64 -9.38
CA LYS E 102 19.09 5.93 -9.26
C LYS E 102 18.40 6.95 -10.13
N ASN E 103 18.42 8.24 -9.60
CA ASN E 103 17.75 9.32 -10.15
C ASN E 103 18.69 10.50 -10.33
C1 GLA F . 19.78 1.90 19.97
C2 GLA F . 21.01 2.05 19.11
C3 GLA F . 20.79 2.83 17.84
C4 GLA F . 19.55 2.32 17.07
C5 GLA F . 18.36 2.32 18.06
C6 GLA F . 17.16 1.64 17.37
O1 GLA F . 19.51 3.22 20.52
O2 GLA F . 22.02 2.63 19.91
O3 GLA F . 21.97 2.82 17.04
O4 GLA F . 19.74 1.06 16.53
O5 GLA F . 18.68 1.42 19.20
O6 GLA F . 16.06 1.70 18.29
C1 GOL G . 27.47 11.24 6.59
O1 GOL G . 28.35 11.74 5.56
C2 GOL G . 26.75 9.97 6.30
O2 GOL G . 27.03 9.45 4.96
C3 GOL G . 26.85 8.99 7.40
O3 GOL G . 26.14 7.81 7.21
C1 GLA H . -8.68 8.83 25.04
C2 GLA H . -7.87 10.11 25.24
C3 GLA H . -7.68 10.94 23.98
C4 GLA H . -7.27 10.05 22.79
C5 GLA H . -8.22 8.84 22.67
C6 GLA H . -7.66 7.81 21.66
O1 GLA H . -10.09 8.98 25.09
O2 GLA H . -8.44 10.92 26.26
O3 GLA H . -6.66 11.93 24.26
O4 GLA H . -5.93 9.62 23.07
O5 GLA H . -8.25 8.07 23.91
O6 GLA H . -8.69 6.82 21.48
C1 GLA I . -26.51 -7.05 6.70
C2 GLA I . -27.00 -5.66 7.19
C3 GLA I . -26.51 -4.61 6.19
C4 GLA I . -24.95 -4.63 6.23
C5 GLA I . -24.46 -6.05 5.97
C6 GLA I . -22.95 -6.14 6.23
O1 GLA I . -26.95 -7.28 5.38
O2 GLA I . -28.42 -5.66 7.07
O3 GLA I . -26.95 -3.33 6.65
O4 GLA I . -24.58 -4.20 7.56
O5 GLA I . -25.08 -7.03 6.78
O6 GLA I . -22.49 -7.50 5.93
C BEZ J . -28.95 -10.47 2.38
O1 BEZ J . -28.88 -11.44 1.66
O2 BEZ J . -29.95 -9.72 2.28
C1 BEZ J . -27.85 -10.14 3.38
C2 BEZ J . -27.87 -8.86 3.89
C3 BEZ J . -26.89 -8.57 4.85
C4 BEZ J . -25.96 -9.51 5.34
C5 BEZ J . -25.92 -10.78 4.73
C6 BEZ J . -26.90 -11.09 3.79
C1 GLA K . -8.27 -25.48 -7.73
C2 GLA K . -9.49 -25.18 -8.54
C3 GLA K . -9.27 -23.96 -9.44
C4 GLA K . -8.81 -22.77 -8.58
C5 GLA K . -7.57 -23.20 -7.78
C6 GLA K . -7.13 -22.17 -6.70
O1 GLA K . -7.21 -25.94 -8.52
O2 GLA K . -9.71 -26.34 -9.34
O3 GLA K . -10.53 -23.60 -10.01
O4 GLA K . -9.83 -22.45 -7.62
O5 GLA K . -7.85 -24.36 -6.94
O6 GLA K . -5.81 -22.51 -6.20
C BEZ L . -2.67 -27.16 -7.52
O1 BEZ L . -1.71 -27.97 -7.70
O2 BEZ L . -2.50 -25.90 -7.39
C1 BEZ L . -4.11 -27.59 -7.46
C2 BEZ L . -5.02 -26.61 -7.97
C3 BEZ L . -6.38 -26.92 -7.99
C4 BEZ L . -6.85 -28.11 -7.50
C5 BEZ L . -5.97 -29.08 -7.07
C6 BEZ L . -4.60 -28.80 -6.99
C1 GOL M . -13.99 -16.14 -19.41
O1 GOL M . -14.63 -16.07 -18.11
C2 GOL M . -14.93 -15.70 -20.46
O2 GOL M . -15.31 -14.29 -20.24
C3 GOL M . -14.18 -15.68 -21.77
O3 GOL M . -15.08 -15.44 -22.89
C1 GLA N . 20.43 -19.60 -0.84
C2 GLA N . 20.35 -19.93 -2.32
C3 GLA N . 19.93 -18.76 -3.14
C4 GLA N . 18.73 -18.03 -2.56
C5 GLA N . 18.99 -17.69 -1.06
C6 GLA N . 17.74 -17.01 -0.45
O1 GLA N . 21.60 -18.81 -0.67
O2 GLA N . 21.61 -20.47 -2.73
O3 GLA N . 19.63 -19.25 -4.44
O4 GLA N . 17.55 -18.84 -2.66
O5 GLA N . 19.29 -18.90 -0.32
O6 GLA N . 18.06 -16.46 0.83
C BEZ O . 22.92 -16.52 3.46
O1 BEZ O . 23.77 -16.40 4.38
O2 BEZ O . 21.97 -15.68 3.37
C1 BEZ O . 22.97 -17.71 2.54
C2 BEZ O . 22.26 -17.69 1.33
C3 BEZ O . 22.31 -18.84 0.51
C4 BEZ O . 22.98 -20.00 0.85
C5 BEZ O . 23.78 -19.98 2.00
C6 BEZ O . 23.74 -18.86 2.80
C1 GOL P . 10.38 -12.56 -22.44
O1 GOL P . 10.05 -13.91 -21.97
C2 GOL P . 11.70 -12.58 -23.24
O2 GOL P . 11.91 -11.16 -23.56
C3 GOL P . 12.84 -13.06 -22.34
O3 GOL P . 14.10 -12.99 -23.02
#